data_8RIO
#
_entry.id   8RIO
#
_cell.length_a   81.065
_cell.length_b   137.871
_cell.length_c   132.517
_cell.angle_alpha   90.00
_cell.angle_beta   90.00
_cell.angle_gamma   90.00
#
_symmetry.space_group_name_H-M   'C 2 2 21'
#
loop_
_entity.id
_entity.type
_entity.pdbx_description
1 polymer '3-keto-5-aminohexanoate cleavage protein'
2 non-polymer 'ZINC ION'
3 non-polymer PROLINE
4 water water
#
_entity_poly.entity_id   1
_entity_poly.type   'polypeptide(L)'
_entity_poly.pdbx_seq_one_letter_code
;MSLNGKVIITCAVTGAIHTPSMSPYLPVSASEITDAAIGAAEAGAAVIHLHARHEGDGSPDQSVEAFNPILGVIKQASDA
VLNITTGGAPTMSIAERIQPAQHYRPELASLNMGTMNFGLFPMLNRYESQLKHQWERNYLGNKDIIFRNTFGDVEHVMTT
LGAGGTRFEFECYDTSHLYNLKHFYDRGLVKGPLFIQTVFGLMGGIGAHPDDVLHMKRTADRLFGQDYRWSVLGAGRNQL
NIAAMSAAMGGHVRVGLEDNLWAGKGRLAETNAQQVRAARQIVEGLGLEVATPAEARELLALKGGDQVNF
;
_entity_poly.pdbx_strand_id   A,B
#
# COMPACT_ATOMS: atom_id res chain seq x y z
N LEU A 3 -7.33 -13.69 -14.45
CA LEU A 3 -6.05 -13.09 -14.10
C LEU A 3 -6.20 -11.90 -13.16
N ASN A 4 -7.43 -11.49 -12.83
CA ASN A 4 -7.57 -10.38 -11.91
C ASN A 4 -7.07 -10.79 -10.53
N GLY A 5 -6.45 -9.85 -9.85
CA GLY A 5 -5.91 -10.15 -8.54
C GLY A 5 -4.61 -10.89 -8.53
N LYS A 6 -3.92 -10.98 -9.66
CA LYS A 6 -2.60 -11.62 -9.71
C LYS A 6 -1.59 -10.51 -9.91
N VAL A 7 -0.56 -10.50 -9.07
CA VAL A 7 0.45 -9.45 -9.06
C VAL A 7 1.76 -10.01 -9.57
N ILE A 8 2.26 -9.46 -10.66
CA ILE A 8 3.57 -9.90 -11.19
C ILE A 8 4.66 -9.27 -10.36
N ILE A 9 5.57 -10.12 -9.82
CA ILE A 9 6.78 -9.61 -9.17
C ILE A 9 7.95 -9.78 -10.14
N THR A 10 8.55 -8.65 -10.51
CA THR A 10 9.79 -8.64 -11.25
C THR A 10 10.90 -8.54 -10.23
N CYS A 11 11.96 -9.33 -10.46
CA CYS A 11 13.15 -9.20 -9.60
C CYS A 11 14.33 -8.81 -10.46
N ALA A 12 14.94 -7.66 -10.14
CA ALA A 12 16.13 -7.15 -10.84
C ALA A 12 17.34 -7.48 -9.97
N VAL A 13 18.16 -8.46 -10.39
CA VAL A 13 19.07 -9.14 -9.44
C VAL A 13 20.38 -8.43 -9.19
N THR A 14 20.91 -7.61 -10.11
CA THR A 14 22.20 -6.96 -9.84
C THR A 14 22.36 -5.60 -10.52
N GLY A 15 21.93 -5.48 -11.79
CA GLY A 15 21.98 -4.12 -12.36
C GLY A 15 23.39 -3.64 -12.67
N ALA A 16 23.49 -2.31 -12.77
CA ALA A 16 24.72 -1.61 -13.08
C ALA A 16 24.86 -0.34 -12.25
N ILE A 17 23.88 -0.01 -11.41
CA ILE A 17 23.94 1.22 -10.60
C ILE A 17 24.68 1.00 -9.28
N HIS A 18 24.37 -0.09 -8.57
CA HIS A 18 25.09 -0.38 -7.35
C HIS A 18 26.43 -1.00 -7.71
N THR A 19 27.35 -0.91 -6.77
CA THR A 19 28.69 -1.44 -7.01
C THR A 19 29.07 -2.42 -5.90
N PRO A 20 29.99 -3.36 -6.14
CA PRO A 20 30.26 -4.42 -5.13
C PRO A 20 30.72 -3.91 -3.77
N SER A 21 31.45 -2.80 -3.70
CA SER A 21 31.88 -2.31 -2.40
C SER A 21 30.71 -1.85 -1.55
N MET A 22 29.55 -1.66 -2.17
CA MET A 22 28.40 -1.11 -1.42
C MET A 22 27.73 -2.25 -0.63
N SER A 23 27.88 -3.49 -1.08
CA SER A 23 27.26 -4.60 -0.37
C SER A 23 27.90 -5.92 -0.79
N PRO A 24 28.34 -6.75 0.15
CA PRO A 24 28.90 -8.05 -0.22
C PRO A 24 27.87 -9.01 -0.74
N TYR A 25 26.59 -8.63 -0.71
CA TYR A 25 25.52 -9.46 -1.22
C TYR A 25 25.14 -9.13 -2.65
N LEU A 26 25.72 -8.09 -3.25
CA LEU A 26 25.38 -7.75 -4.66
C LEU A 26 25.95 -8.88 -5.54
N PRO A 27 25.14 -9.56 -6.37
CA PRO A 27 25.70 -10.65 -7.18
C PRO A 27 26.67 -10.15 -8.24
N VAL A 28 27.81 -10.83 -8.37
CA VAL A 28 28.82 -10.38 -9.35
C VAL A 28 29.14 -11.47 -10.38
N SER A 29 29.53 -12.66 -9.92
CA SER A 29 29.90 -13.70 -10.89
C SER A 29 28.66 -14.23 -11.62
N ALA A 30 28.87 -14.87 -12.77
CA ALA A 30 27.72 -15.46 -13.46
C ALA A 30 26.98 -16.43 -12.56
N SER A 31 27.69 -17.23 -11.76
CA SER A 31 27.01 -18.18 -10.88
C SER A 31 26.24 -17.46 -9.77
N GLU A 32 26.77 -16.35 -9.25
CA GLU A 32 26.02 -15.61 -8.24
C GLU A 32 24.75 -15.05 -8.84
N ILE A 33 24.84 -14.57 -10.08
CA ILE A 33 23.68 -13.99 -10.74
C ILE A 33 22.65 -15.05 -11.06
N THR A 34 23.09 -16.22 -11.54
CA THR A 34 22.08 -17.24 -11.82
C THR A 34 21.49 -17.77 -10.53
N ASP A 35 22.32 -17.95 -9.48
CA ASP A 35 21.75 -18.39 -8.22
C ASP A 35 20.75 -17.39 -7.69
N ALA A 36 21.07 -16.10 -7.84
CA ALA A 36 20.13 -15.08 -7.38
C ALA A 36 18.82 -15.12 -8.16
N ALA A 37 18.90 -15.25 -9.48
CA ALA A 37 17.69 -15.32 -10.30
C ALA A 37 16.85 -16.55 -9.96
N ILE A 38 17.50 -17.71 -9.83
CA ILE A 38 16.76 -18.94 -9.55
C ILE A 38 16.09 -18.86 -8.19
N GLY A 39 16.80 -18.34 -7.20
CA GLY A 39 16.19 -18.19 -5.88
C GLY A 39 15.05 -17.20 -5.89
N ALA A 40 15.20 -16.11 -6.63
CA ALA A 40 14.12 -15.15 -6.73
C ALA A 40 12.89 -15.76 -7.39
N ALA A 41 13.10 -16.49 -8.49
CA ALA A 41 11.98 -17.14 -9.15
C ALA A 41 11.29 -18.16 -8.24
N GLU A 42 12.06 -18.93 -7.49
CA GLU A 42 11.47 -19.90 -6.58
C GLU A 42 10.66 -19.22 -5.48
N ALA A 43 11.03 -17.99 -5.15
CA ALA A 43 10.31 -17.24 -4.12
C ALA A 43 9.05 -16.60 -4.65
N GLY A 44 8.89 -16.55 -5.98
CA GLY A 44 7.69 -16.00 -6.57
C GLY A 44 7.90 -14.97 -7.66
N ALA A 45 9.12 -14.58 -8.02
CA ALA A 45 9.28 -13.60 -9.08
C ALA A 45 9.05 -14.28 -10.45
N ALA A 46 8.08 -13.77 -11.20
CA ALA A 46 7.79 -14.34 -12.53
C ALA A 46 8.68 -13.77 -13.62
N VAL A 47 9.27 -12.60 -13.40
CA VAL A 47 10.12 -11.94 -14.39
C VAL A 47 11.44 -11.65 -13.68
N ILE A 48 12.55 -12.02 -14.33
CA ILE A 48 13.90 -11.71 -13.84
C ILE A 48 14.54 -10.71 -14.79
N HIS A 49 14.87 -9.50 -14.27
CA HIS A 49 15.58 -8.46 -15.05
C HIS A 49 17.08 -8.61 -14.83
N LEU A 50 17.84 -8.83 -15.92
CA LEU A 50 19.20 -9.31 -15.87
C LEU A 50 20.18 -8.32 -16.47
N HIS A 51 21.31 -8.16 -15.78
CA HIS A 51 22.56 -7.59 -16.29
C HIS A 51 23.66 -8.58 -16.01
N ALA A 52 24.83 -8.34 -16.63
CA ALA A 52 26.02 -9.09 -16.29
C ALA A 52 27.13 -8.15 -15.84
N ARG A 53 28.16 -8.74 -15.21
CA ARG A 53 29.28 -7.96 -14.69
C ARG A 53 30.59 -8.69 -15.02
N HIS A 54 31.69 -7.93 -15.07
CA HIS A 54 32.99 -8.61 -15.16
C HIS A 54 33.29 -9.31 -13.84
N GLU A 55 33.75 -10.58 -13.90
CA GLU A 55 33.96 -11.33 -12.66
C GLU A 55 35.15 -10.81 -11.87
N GLY A 56 36.11 -10.20 -12.53
CA GLY A 56 37.33 -9.79 -11.86
C GLY A 56 37.11 -8.61 -10.93
N ASP A 57 36.48 -7.55 -11.43
CA ASP A 57 36.30 -6.36 -10.62
C ASP A 57 34.85 -5.96 -10.40
N GLY A 58 33.88 -6.74 -10.88
CA GLY A 58 32.48 -6.45 -10.69
C GLY A 58 31.91 -5.31 -11.52
N SER A 59 32.69 -4.72 -12.42
CA SER A 59 32.20 -3.62 -13.21
C SER A 59 31.19 -4.13 -14.25
N PRO A 60 30.31 -3.26 -14.71
CA PRO A 60 29.28 -3.73 -15.66
C PRO A 60 29.89 -4.31 -16.93
N ASP A 61 29.24 -5.35 -17.45
CA ASP A 61 29.67 -5.97 -18.71
C ASP A 61 28.42 -6.16 -19.57
N GLN A 62 28.27 -5.32 -20.60
CA GLN A 62 27.11 -5.39 -21.48
C GLN A 62 27.36 -6.17 -22.81
N SER A 63 28.32 -7.02 -22.84
CA SER A 63 28.58 -7.72 -24.09
C SER A 63 27.64 -8.94 -24.26
N VAL A 64 27.52 -9.40 -25.52
CA VAL A 64 26.71 -10.59 -25.78
C VAL A 64 27.17 -11.77 -24.95
N GLU A 65 28.45 -12.05 -24.98
CA GLU A 65 28.91 -13.30 -24.39
C GLU A 65 28.84 -13.28 -22.88
N ALA A 66 28.77 -12.09 -22.26
CA ALA A 66 28.66 -12.05 -20.81
C ALA A 66 27.39 -12.71 -20.34
N PHE A 67 26.36 -12.76 -21.19
CA PHE A 67 25.12 -13.42 -20.81
C PHE A 67 25.11 -14.90 -21.12
N ASN A 68 26.13 -15.42 -21.83
CA ASN A 68 26.10 -16.82 -22.18
C ASN A 68 26.06 -17.73 -20.98
N PRO A 69 26.85 -17.53 -19.93
CA PRO A 69 26.76 -18.41 -18.75
C PRO A 69 25.63 -18.05 -17.80
N ILE A 70 24.72 -17.18 -18.22
CA ILE A 70 23.62 -16.71 -17.38
C ILE A 70 22.26 -17.24 -17.88
N LEU A 71 21.93 -16.98 -19.14
CA LEU A 71 20.55 -17.15 -19.59
C LEU A 71 20.15 -18.62 -19.65
N GLY A 72 20.93 -19.43 -20.36
CA GLY A 72 20.55 -20.84 -20.44
C GLY A 72 20.55 -21.55 -19.11
N VAL A 73 21.47 -21.17 -18.20
CA VAL A 73 21.49 -21.78 -16.87
C VAL A 73 20.20 -21.47 -16.12
N ILE A 74 19.76 -20.20 -16.15
CA ILE A 74 18.51 -19.92 -15.44
C ILE A 74 17.34 -20.65 -16.11
N LYS A 75 17.29 -20.65 -17.45
CA LYS A 75 16.17 -21.26 -18.15
C LYS A 75 16.12 -22.75 -17.89
N GLN A 76 17.28 -23.40 -17.74
CA GLN A 76 17.28 -24.83 -17.42
C GLN A 76 16.61 -25.09 -16.07
N ALA A 77 16.77 -24.15 -15.13
CA ALA A 77 16.27 -24.33 -13.79
C ALA A 77 14.87 -23.77 -13.56
N SER A 78 14.39 -22.85 -14.41
CA SER A 78 13.19 -22.11 -14.09
C SER A 78 12.51 -21.67 -15.36
N ASP A 79 11.17 -21.69 -15.33
CA ASP A 79 10.34 -21.19 -16.41
CA ASP A 79 10.31 -21.21 -16.38
C ASP A 79 10.08 -19.69 -16.33
N ALA A 80 10.74 -18.96 -15.44
CA ALA A 80 10.56 -17.53 -15.35
C ALA A 80 10.87 -16.83 -16.66
N VAL A 81 10.27 -15.67 -16.82
CA VAL A 81 10.49 -14.81 -17.98
C VAL A 81 11.79 -14.08 -17.78
N LEU A 82 12.71 -14.22 -18.73
CA LEU A 82 14.00 -13.54 -18.62
C LEU A 82 14.00 -12.25 -19.43
N ASN A 83 14.47 -11.17 -18.81
CA ASN A 83 14.32 -9.81 -19.34
C ASN A 83 15.72 -9.24 -19.35
N ILE A 84 16.22 -8.94 -20.54
CA ILE A 84 17.62 -8.52 -20.72
C ILE A 84 17.67 -7.00 -20.79
N THR A 85 18.57 -6.38 -20.03
CA THR A 85 18.77 -4.94 -20.11
C THR A 85 19.24 -4.49 -21.50
N THR A 86 18.88 -3.26 -21.86
CA THR A 86 19.47 -2.51 -22.96
C THR A 86 20.20 -1.27 -22.51
N GLY A 87 20.54 -1.21 -21.21
CA GLY A 87 21.32 -0.08 -20.73
C GLY A 87 22.77 -0.26 -21.07
N GLY A 88 23.55 0.74 -20.78
CA GLY A 88 24.99 0.56 -20.94
C GLY A 88 25.68 1.83 -20.55
N ALA A 89 27.01 1.78 -20.68
CA ALA A 89 27.80 2.93 -20.30
C ALA A 89 27.35 4.15 -21.11
N PRO A 90 27.43 5.35 -20.55
CA PRO A 90 26.97 6.53 -21.30
C PRO A 90 27.62 6.72 -22.65
N THR A 91 28.83 6.17 -22.87
CA THR A 91 29.59 6.30 -24.11
C THR A 91 29.31 5.19 -25.12
N MET A 92 28.50 4.19 -24.77
CA MET A 92 28.21 3.07 -25.65
C MET A 92 27.05 3.42 -26.56
N SER A 93 27.16 3.06 -27.83
CA SER A 93 26.10 3.39 -28.78
C SER A 93 24.87 2.53 -28.53
N ILE A 94 23.72 3.02 -28.98
CA ILE A 94 22.50 2.21 -28.84
C ILE A 94 22.64 0.88 -29.58
N ALA A 95 23.26 0.88 -30.76
CA ALA A 95 23.45 -0.39 -31.46
C ALA A 95 24.25 -1.39 -30.63
N GLU A 96 25.32 -0.94 -29.96
CA GLU A 96 26.07 -1.88 -29.13
C GLU A 96 25.28 -2.30 -27.90
N ARG A 97 24.56 -1.33 -27.29
CA ARG A 97 23.78 -1.65 -26.09
C ARG A 97 22.74 -2.74 -26.34
N ILE A 98 22.13 -2.79 -27.54
CA ILE A 98 21.08 -3.76 -27.78
C ILE A 98 21.61 -5.07 -28.31
N GLN A 99 22.93 -5.20 -28.51
CA GLN A 99 23.41 -6.45 -29.11
C GLN A 99 23.04 -7.69 -28.28
N PRO A 100 23.10 -7.69 -26.95
CA PRO A 100 22.69 -8.92 -26.24
C PRO A 100 21.23 -9.27 -26.50
N ALA A 101 20.32 -8.31 -26.36
CA ALA A 101 18.92 -8.67 -26.64
C ALA A 101 18.70 -8.99 -28.11
N GLN A 102 19.45 -8.35 -29.02
CA GLN A 102 19.26 -8.65 -30.43
C GLN A 102 19.69 -10.08 -30.74
N HIS A 103 20.77 -10.56 -30.10
CA HIS A 103 21.24 -11.92 -30.36
C HIS A 103 20.38 -12.97 -29.65
N TYR A 104 20.01 -12.73 -28.38
CA TYR A 104 19.32 -13.73 -27.58
C TYR A 104 17.84 -13.76 -27.80
N ARG A 105 17.28 -12.71 -28.40
CA ARG A 105 15.84 -12.64 -28.71
C ARG A 105 14.97 -13.01 -27.51
N PRO A 106 15.15 -12.33 -26.35
CA PRO A 106 14.41 -12.69 -25.15
C PRO A 106 12.94 -12.30 -25.30
N GLU A 107 12.13 -12.82 -24.39
CA GLU A 107 10.72 -12.39 -24.34
C GLU A 107 10.58 -10.92 -23.96
N LEU A 108 11.45 -10.42 -23.06
CA LEU A 108 11.41 -9.02 -22.60
C LEU A 108 12.82 -8.45 -22.68
N ALA A 109 12.87 -7.16 -23.01
CA ALA A 109 14.08 -6.39 -22.79
C ALA A 109 13.66 -5.07 -22.18
N SER A 110 14.55 -4.49 -21.39
CA SER A 110 14.22 -3.21 -20.77
C SER A 110 14.44 -2.09 -21.77
N LEU A 111 13.72 -0.98 -21.60
CA LEU A 111 13.81 0.12 -22.55
C LEU A 111 13.66 1.42 -21.75
N ASN A 112 14.75 2.18 -21.53
CA ASN A 112 14.63 3.47 -20.87
C ASN A 112 14.06 4.48 -21.88
N MET A 113 12.98 5.16 -21.49
CA MET A 113 12.19 6.03 -22.35
C MET A 113 12.67 7.46 -22.50
N GLY A 114 13.78 7.86 -21.92
CA GLY A 114 14.27 9.19 -22.17
C GLY A 114 15.70 9.37 -21.74
N THR A 115 16.30 10.44 -22.24
CA THR A 115 17.65 10.84 -21.82
C THR A 115 17.56 11.60 -20.50
N MET A 116 18.47 11.29 -19.56
CA MET A 116 18.33 11.85 -18.22
C MET A 116 19.69 11.90 -17.55
N ASN A 117 19.84 12.88 -16.65
CA ASN A 117 20.96 12.83 -15.71
C ASN A 117 20.80 11.66 -14.74
N PHE A 118 21.94 11.19 -14.20
CA PHE A 118 21.91 10.30 -13.05
C PHE A 118 23.09 10.62 -12.17
N GLY A 119 22.93 10.44 -10.86
CA GLY A 119 24.07 10.62 -9.97
C GLY A 119 24.00 9.74 -8.75
N LEU A 120 25.17 9.35 -8.23
CA LEU A 120 25.26 8.79 -6.90
C LEU A 120 26.26 9.56 -6.05
N PHE A 121 26.87 10.58 -6.58
CA PHE A 121 27.91 11.32 -5.87
C PHE A 121 27.52 11.85 -4.48
N PRO A 122 26.25 12.16 -4.19
CA PRO A 122 25.94 12.55 -2.79
C PRO A 122 26.25 11.44 -1.81
N MET A 123 26.30 10.19 -2.26
CA MET A 123 26.61 9.08 -1.36
C MET A 123 28.10 8.91 -1.13
N LEU A 124 28.94 9.76 -1.70
CA LEU A 124 30.37 9.52 -1.62
C LEU A 124 30.88 9.61 -0.20
N ASN A 125 30.28 10.47 0.63
CA ASN A 125 30.74 10.61 2.01
C ASN A 125 30.53 9.33 2.81
N ARG A 126 29.44 8.60 2.54
CA ARG A 126 29.20 7.37 3.28
C ARG A 126 29.96 6.17 2.72
N TYR A 127 30.34 6.18 1.43
CA TYR A 127 30.91 4.99 0.83
C TYR A 127 32.38 5.13 0.41
N GLU A 128 32.94 6.35 0.34
CA GLU A 128 34.26 6.52 -0.27
CA GLU A 128 34.26 6.52 -0.27
C GLU A 128 35.31 5.66 0.43
N SER A 129 35.27 5.60 1.76
CA SER A 129 36.32 4.90 2.49
C SER A 129 36.28 3.40 2.27
N GLN A 130 35.16 2.85 1.77
CA GLN A 130 35.06 1.43 1.58
C GLN A 130 35.13 1.02 0.12
N LEU A 131 35.36 1.95 -0.79
CA LEU A 131 35.41 1.58 -2.21
C LEU A 131 36.73 0.90 -2.50
N LYS A 132 36.67 -0.33 -3.00
CA LYS A 132 37.86 -1.12 -3.25
C LYS A 132 38.43 -0.95 -4.64
N HIS A 133 37.65 -0.51 -5.64
CA HIS A 133 38.14 -0.47 -7.01
C HIS A 133 38.10 0.94 -7.54
N GLN A 134 39.11 1.30 -8.33
CA GLN A 134 39.16 2.63 -8.90
C GLN A 134 37.93 2.93 -9.77
N TRP A 135 37.41 1.92 -10.48
CA TRP A 135 36.24 2.18 -11.31
C TRP A 135 35.07 2.65 -10.48
N GLU A 136 34.98 2.19 -9.24
CA GLU A 136 33.88 2.62 -8.38
C GLU A 136 34.10 4.05 -7.94
N ARG A 137 35.35 4.43 -7.63
CA ARG A 137 35.65 5.81 -7.30
C ARG A 137 35.35 6.73 -8.47
N ASN A 138 35.75 6.34 -9.67
CA ASN A 138 35.50 7.17 -10.85
C ASN A 138 34.02 7.38 -11.07
N TYR A 139 33.24 6.31 -10.89
CA TYR A 139 31.80 6.35 -11.16
C TYR A 139 31.06 7.12 -10.07
N LEU A 140 31.29 6.77 -8.80
CA LEU A 140 30.51 7.43 -7.74
C LEU A 140 30.75 8.92 -7.74
N GLY A 141 31.96 9.37 -8.07
CA GLY A 141 32.31 10.78 -8.09
C GLY A 141 31.91 11.55 -9.35
N ASN A 142 31.36 10.88 -10.36
CA ASN A 142 31.09 11.52 -11.65
C ASN A 142 29.79 12.32 -11.57
N LYS A 143 29.90 13.64 -11.76
CA LYS A 143 28.73 14.51 -11.76
C LYS A 143 28.21 14.76 -13.16
N ASP A 144 28.74 14.07 -14.17
CA ASP A 144 28.38 14.28 -15.56
C ASP A 144 27.76 13.06 -16.22
N ILE A 145 27.18 12.15 -15.44
CA ILE A 145 26.55 10.96 -16.02
C ILE A 145 25.22 11.32 -16.66
N ILE A 146 25.03 10.82 -17.89
CA ILE A 146 23.77 10.87 -18.63
C ILE A 146 23.45 9.43 -19.06
N PHE A 147 22.18 9.03 -18.94
CA PHE A 147 21.65 7.85 -19.64
C PHE A 147 21.07 8.41 -20.93
N ARG A 148 21.63 8.07 -22.06
CA ARG A 148 21.23 8.65 -23.34
C ARG A 148 20.23 7.74 -24.04
N ASN A 149 19.00 8.25 -24.29
CA ASN A 149 17.98 7.47 -24.98
C ASN A 149 17.15 8.46 -25.79
N THR A 150 17.72 8.89 -26.91
CA THR A 150 17.06 9.90 -27.74
C THR A 150 15.81 9.33 -28.39
N PHE A 151 15.03 10.21 -29.01
CA PHE A 151 13.87 9.70 -29.76
C PHE A 151 14.33 8.75 -30.85
N GLY A 152 15.45 9.06 -31.52
CA GLY A 152 15.93 8.17 -32.56
C GLY A 152 16.48 6.87 -31.99
N ASP A 153 17.13 6.93 -30.83
CA ASP A 153 17.65 5.71 -30.20
C ASP A 153 16.48 4.77 -29.86
N VAL A 154 15.41 5.32 -29.24
CA VAL A 154 14.30 4.49 -28.78
C VAL A 154 13.59 3.89 -29.96
N GLU A 155 13.41 4.67 -31.04
CA GLU A 155 12.81 4.09 -32.23
C GLU A 155 13.64 2.92 -32.77
N HIS A 156 14.95 3.08 -32.80
CA HIS A 156 15.84 2.01 -33.24
C HIS A 156 15.67 0.75 -32.39
N VAL A 157 15.60 0.90 -31.07
CA VAL A 157 15.42 -0.26 -30.21
C VAL A 157 14.08 -0.95 -30.53
N MET A 158 13.00 -0.14 -30.64
CA MET A 158 11.67 -0.68 -30.86
C MET A 158 11.61 -1.47 -32.17
N THR A 159 12.19 -0.92 -33.23
CA THR A 159 12.09 -1.60 -34.52
C THR A 159 12.98 -2.84 -34.55
N THR A 160 14.19 -2.71 -34.04
CA THR A 160 15.20 -3.78 -34.19
C THR A 160 14.89 -4.94 -33.27
N LEU A 161 14.59 -4.66 -31.99
CA LEU A 161 14.29 -5.77 -31.08
C LEU A 161 12.88 -6.29 -31.27
N GLY A 162 11.95 -5.41 -31.67
CA GLY A 162 10.59 -5.86 -31.88
C GLY A 162 10.51 -6.88 -33.01
N ALA A 163 11.40 -6.77 -33.99
CA ALA A 163 11.37 -7.72 -35.11
C ALA A 163 11.73 -9.14 -34.69
N GLY A 164 12.37 -9.31 -33.52
CA GLY A 164 12.67 -10.63 -32.98
C GLY A 164 11.62 -11.14 -32.02
N GLY A 165 10.48 -10.46 -31.89
CA GLY A 165 9.42 -10.88 -30.99
C GLY A 165 9.59 -10.43 -29.55
N THR A 166 10.66 -9.73 -29.25
CA THR A 166 10.88 -9.21 -27.90
C THR A 166 9.90 -8.07 -27.65
N ARG A 167 9.31 -8.07 -26.48
CA ARG A 167 8.50 -6.94 -25.98
C ARG A 167 9.24 -6.22 -24.88
N PHE A 168 8.77 -5.02 -24.47
CA PHE A 168 9.60 -4.21 -23.60
C PHE A 168 9.04 -4.04 -22.20
N GLU A 169 9.95 -3.94 -21.24
CA GLU A 169 9.72 -3.30 -19.97
C GLU A 169 10.08 -1.83 -20.20
N PHE A 170 9.09 -0.97 -20.35
CA PHE A 170 9.31 0.44 -20.64
C PHE A 170 9.58 1.15 -19.34
N GLU A 171 10.84 1.49 -19.10
CA GLU A 171 11.20 2.14 -17.85
C GLU A 171 11.01 3.65 -17.98
N CYS A 172 10.13 4.17 -17.15
CA CYS A 172 9.72 5.57 -17.26
C CYS A 172 10.07 6.22 -15.92
N TYR A 173 11.02 7.14 -15.94
CA TYR A 173 11.63 7.72 -14.73
C TYR A 173 11.03 9.05 -14.38
N ASP A 174 10.10 9.55 -15.20
CA ASP A 174 9.40 10.81 -14.91
C ASP A 174 8.26 10.91 -15.91
N THR A 175 7.43 11.95 -15.76
CA THR A 175 6.22 12.08 -16.60
C THR A 175 6.57 12.12 -18.06
N SER A 176 7.65 12.81 -18.41
CA SER A 176 7.98 13.00 -19.82
C SER A 176 8.26 11.68 -20.49
N HIS A 177 8.66 10.66 -19.75
CA HIS A 177 8.90 9.34 -20.33
C HIS A 177 7.60 8.69 -20.73
N LEU A 178 6.54 8.90 -19.95
CA LEU A 178 5.23 8.41 -20.37
C LEU A 178 4.76 9.13 -21.63
N TYR A 179 4.95 10.44 -21.68
CA TYR A 179 4.62 11.17 -22.90
C TYR A 179 5.46 10.69 -24.07
N ASN A 180 6.75 10.41 -23.87
CA ASN A 180 7.56 9.91 -24.97
C ASN A 180 7.01 8.58 -25.46
N LEU A 181 6.64 7.72 -24.51
CA LEU A 181 6.05 6.42 -24.90
C LEU A 181 4.75 6.60 -25.66
N LYS A 182 3.93 7.60 -25.27
CA LYS A 182 2.68 7.85 -26.00
C LYS A 182 2.95 8.24 -27.44
N HIS A 183 4.02 8.99 -27.69
CA HIS A 183 4.38 9.35 -29.06
C HIS A 183 4.61 8.12 -29.91
N PHE A 184 5.34 7.12 -29.36
CA PHE A 184 5.62 5.93 -30.15
C PHE A 184 4.42 4.99 -30.22
N TYR A 185 3.63 4.92 -29.17
CA TYR A 185 2.42 4.11 -29.19
C TYR A 185 1.44 4.62 -30.23
N ASP A 186 1.27 5.94 -30.31
CA ASP A 186 0.34 6.49 -31.31
C ASP A 186 0.83 6.25 -32.72
N ARG A 187 2.15 6.15 -32.92
CA ARG A 187 2.72 5.87 -34.23
C ARG A 187 2.65 4.39 -34.55
N GLY A 188 2.26 3.56 -33.60
CA GLY A 188 2.20 2.14 -33.88
C GLY A 188 3.50 1.38 -33.79
N LEU A 189 4.55 2.00 -33.26
CA LEU A 189 5.85 1.35 -33.20
C LEU A 189 5.91 0.31 -32.10
N VAL A 190 5.05 0.44 -31.09
CA VAL A 190 4.86 -0.60 -30.09
C VAL A 190 3.35 -0.76 -29.97
N LYS A 191 2.93 -2.01 -29.79
CA LYS A 191 1.53 -2.34 -29.56
C LYS A 191 1.33 -2.82 -28.13
N GLY A 192 0.14 -2.59 -27.62
CA GLY A 192 -0.22 -2.98 -26.28
C GLY A 192 -0.36 -4.48 -26.15
N PRO A 193 -0.49 -4.97 -24.93
CA PRO A 193 -0.47 -4.20 -23.69
C PRO A 193 0.96 -3.79 -23.37
N LEU A 194 1.13 -2.53 -23.00
CA LEU A 194 2.48 -2.04 -22.70
C LEU A 194 2.84 -2.32 -21.25
N PHE A 195 4.02 -2.87 -21.00
CA PHE A 195 4.49 -3.14 -19.65
C PHE A 195 5.27 -1.91 -19.18
N ILE A 196 4.60 -1.06 -18.36
CA ILE A 196 5.19 0.25 -18.03
C ILE A 196 5.71 0.21 -16.62
N GLN A 197 7.04 0.32 -16.46
CA GLN A 197 7.71 0.28 -15.17
C GLN A 197 8.02 1.71 -14.76
N THR A 198 7.20 2.25 -13.86
CA THR A 198 7.45 3.62 -13.42
C THR A 198 8.44 3.61 -12.27
N VAL A 199 9.55 4.33 -12.43
CA VAL A 199 10.72 4.24 -11.54
C VAL A 199 10.84 5.49 -10.67
N PHE A 200 10.82 5.30 -9.36
CA PHE A 200 10.78 6.36 -8.37
C PHE A 200 12.01 6.45 -7.50
N GLY A 201 12.46 7.66 -7.20
CA GLY A 201 13.49 7.83 -6.18
C GLY A 201 14.92 7.94 -6.64
N LEU A 202 15.22 7.86 -7.94
CA LEU A 202 16.61 7.97 -8.35
C LEU A 202 16.97 9.43 -8.54
N MET A 203 18.25 9.75 -8.29
CA MET A 203 18.73 11.11 -8.49
C MET A 203 18.86 11.36 -9.98
N GLY A 204 18.08 12.33 -10.49
CA GLY A 204 17.92 12.48 -11.91
C GLY A 204 16.53 12.10 -12.42
N GLY A 205 15.77 11.37 -11.63
CA GLY A 205 14.42 10.96 -11.97
C GLY A 205 13.41 11.61 -11.02
N ILE A 206 12.12 11.27 -11.21
CA ILE A 206 11.11 11.67 -10.25
C ILE A 206 11.43 11.08 -8.88
N GLY A 207 10.97 11.75 -7.84
CA GLY A 207 11.14 11.24 -6.49
C GLY A 207 10.14 10.16 -6.19
N ALA A 208 10.03 9.83 -4.88
CA ALA A 208 9.25 8.69 -4.42
C ALA A 208 8.18 9.11 -3.44
N HIS A 209 7.76 10.38 -3.53
CA HIS A 209 6.67 10.82 -2.69
C HIS A 209 5.38 10.15 -3.13
N PRO A 210 4.43 9.91 -2.23
CA PRO A 210 3.16 9.35 -2.73
C PRO A 210 2.50 10.16 -3.85
N ASP A 211 2.59 11.49 -3.85
CA ASP A 211 2.01 12.26 -4.94
C ASP A 211 2.75 11.94 -6.26
N ASP A 212 4.05 11.62 -6.22
CA ASP A 212 4.75 11.23 -7.45
C ASP A 212 4.19 9.93 -7.99
N VAL A 213 3.96 8.96 -7.09
CA VAL A 213 3.39 7.69 -7.51
C VAL A 213 2.03 7.91 -8.18
N LEU A 214 1.14 8.67 -7.52
CA LEU A 214 -0.18 8.85 -8.10
C LEU A 214 -0.14 9.66 -9.37
N HIS A 215 0.79 10.58 -9.48
CA HIS A 215 0.90 11.33 -10.75
C HIS A 215 1.29 10.41 -11.91
N MET A 216 2.24 9.53 -11.66
CA MET A 216 2.65 8.63 -12.73
C MET A 216 1.51 7.72 -13.11
N LYS A 217 0.77 7.22 -12.10
CA LYS A 217 -0.35 6.31 -12.39
C LYS A 217 -1.44 7.03 -13.16
N ARG A 218 -1.85 8.22 -12.69
CA ARG A 218 -2.90 8.97 -13.39
C ARG A 218 -2.50 9.29 -14.81
N THR A 219 -1.25 9.70 -15.01
CA THR A 219 -0.79 10.02 -16.36
C THR A 219 -0.87 8.80 -17.26
N ALA A 220 -0.36 7.65 -16.77
CA ALA A 220 -0.39 6.46 -17.60
C ALA A 220 -1.82 6.03 -17.91
N ASP A 221 -2.68 6.09 -16.90
CA ASP A 221 -4.10 5.77 -17.14
C ASP A 221 -4.69 6.67 -18.23
N ARG A 222 -4.39 7.97 -18.18
CA ARG A 222 -4.97 8.87 -19.17
C ARG A 222 -4.41 8.64 -20.56
N LEU A 223 -3.08 8.37 -20.66
CA LEU A 223 -2.49 8.26 -21.98
C LEU A 223 -2.71 6.88 -22.59
N PHE A 224 -2.84 5.82 -21.78
CA PHE A 224 -2.89 4.45 -22.31
C PHE A 224 -4.17 3.71 -21.96
N GLY A 225 -5.02 4.23 -21.08
CA GLY A 225 -6.26 3.53 -20.79
C GLY A 225 -6.03 2.16 -20.22
N GLN A 226 -6.74 1.18 -20.77
CA GLN A 226 -6.61 -0.19 -20.31
C GLN A 226 -5.52 -0.95 -21.04
N ASP A 227 -4.81 -0.33 -21.98
CA ASP A 227 -3.84 -1.04 -22.82
C ASP A 227 -2.45 -1.03 -22.24
N TYR A 228 -2.32 -1.11 -20.93
CA TYR A 228 -1.01 -1.22 -20.31
C TYR A 228 -1.13 -1.98 -19.02
N ARG A 229 0.00 -2.44 -18.53
CA ARG A 229 0.09 -3.12 -17.24
C ARG A 229 1.12 -2.33 -16.45
N TRP A 230 0.71 -1.82 -15.28
CA TRP A 230 1.52 -0.92 -14.49
C TRP A 230 2.40 -1.72 -13.57
N SER A 231 3.70 -1.40 -13.53
CA SER A 231 4.57 -1.89 -12.48
C SER A 231 5.34 -0.73 -11.90
N VAL A 232 5.71 -0.90 -10.62
CA VAL A 232 6.48 0.14 -9.92
C VAL A 232 7.83 -0.38 -9.50
N LEU A 233 8.79 0.54 -9.51
CA LEU A 233 10.13 0.30 -8.98
C LEU A 233 10.39 1.45 -8.02
N GLY A 234 10.37 1.15 -6.70
CA GLY A 234 10.78 2.16 -5.75
C GLY A 234 12.22 2.01 -5.37
N ALA A 235 13.09 2.96 -5.74
CA ALA A 235 14.49 2.74 -5.50
C ALA A 235 14.84 2.82 -4.02
N GLY A 236 15.87 2.08 -3.63
CA GLY A 236 16.33 2.16 -2.26
C GLY A 236 15.26 1.80 -1.24
N ARG A 237 15.29 2.52 -0.12
CA ARG A 237 14.40 2.19 0.98
C ARG A 237 12.96 2.54 0.67
N ASN A 238 12.64 3.05 -0.53
CA ASN A 238 11.26 3.23 -0.96
C ASN A 238 10.65 1.94 -1.49
N GLN A 239 11.45 0.90 -1.69
CA GLN A 239 11.05 -0.25 -2.46
C GLN A 239 9.72 -0.85 -2.01
N LEU A 240 9.57 -1.13 -0.71
CA LEU A 240 8.36 -1.83 -0.28
C LEU A 240 7.17 -0.90 -0.09
N ASN A 241 7.41 0.34 0.30
CA ASN A 241 6.29 1.29 0.38
C ASN A 241 5.64 1.49 -0.99
N ILE A 242 6.47 1.67 -2.02
CA ILE A 242 5.93 1.88 -3.35
C ILE A 242 5.31 0.58 -3.90
N ALA A 243 5.93 -0.59 -3.63
CA ALA A 243 5.32 -1.85 -4.05
C ALA A 243 3.94 -2.00 -3.43
N ALA A 244 3.81 -1.68 -2.14
CA ALA A 244 2.49 -1.85 -1.50
C ALA A 244 1.45 -0.91 -2.10
N MET A 245 1.83 0.34 -2.41
CA MET A 245 0.87 1.22 -3.11
C MET A 245 0.41 0.61 -4.41
N SER A 246 1.34 0.11 -5.24
CA SER A 246 0.95 -0.42 -6.50
C SER A 246 0.05 -1.63 -6.30
N ALA A 247 0.46 -2.59 -5.45
CA ALA A 247 -0.38 -3.78 -5.28
C ALA A 247 -1.78 -3.42 -4.81
N ALA A 248 -1.88 -2.40 -3.95
CA ALA A 248 -3.20 -1.98 -3.44
C ALA A 248 -4.00 -1.23 -4.46
N MET A 249 -3.39 -0.82 -5.60
CA MET A 249 -4.04 -0.03 -6.64
C MET A 249 -4.22 -0.81 -7.92
N GLY A 250 -3.98 -2.11 -7.89
CA GLY A 250 -4.15 -2.89 -9.10
C GLY A 250 -2.92 -3.03 -9.99
N GLY A 251 -1.75 -2.60 -9.51
CA GLY A 251 -0.50 -2.71 -10.27
C GLY A 251 0.35 -3.88 -9.82
N HIS A 252 1.53 -3.92 -10.42
CA HIS A 252 2.54 -4.96 -10.25
C HIS A 252 3.78 -4.35 -9.61
N VAL A 253 4.75 -5.20 -9.26
CA VAL A 253 5.81 -4.78 -8.35
C VAL A 253 7.16 -5.27 -8.82
N ARG A 254 8.15 -4.38 -8.73
CA ARG A 254 9.54 -4.75 -8.99
C ARG A 254 10.33 -4.61 -7.71
N VAL A 255 11.13 -5.63 -7.41
CA VAL A 255 12.11 -5.62 -6.31
C VAL A 255 13.46 -6.09 -6.86
N GLY A 256 14.45 -6.19 -6.00
CA GLY A 256 15.76 -6.70 -6.40
C GLY A 256 16.90 -5.84 -5.88
N LEU A 257 18.06 -6.48 -5.77
CA LEU A 257 19.28 -5.78 -5.28
C LEU A 257 19.81 -4.80 -6.32
N GLU A 258 19.41 -4.96 -7.59
CA GLU A 258 19.75 -3.92 -8.57
C GLU A 258 19.22 -2.57 -8.10
N ASP A 259 18.06 -2.60 -7.42
CA ASP A 259 17.27 -1.41 -7.14
C ASP A 259 17.38 -0.93 -5.69
N ASN A 260 17.63 -1.86 -4.75
CA ASN A 260 17.67 -1.54 -3.32
C ASN A 260 18.58 -2.54 -2.65
N LEU A 261 19.59 -2.02 -1.95
CA LEU A 261 20.50 -2.90 -1.22
C LEU A 261 20.02 -3.23 0.18
N TRP A 262 19.00 -2.54 0.63
CA TRP A 262 18.63 -2.61 2.05
C TRP A 262 17.46 -3.51 2.37
N ALA A 263 17.44 -3.92 3.64
CA ALA A 263 16.28 -4.67 4.10
C ALA A 263 15.55 -3.73 5.06
N GLY A 264 16.07 -3.55 6.27
CA GLY A 264 15.45 -2.67 7.29
C GLY A 264 16.32 -1.52 7.75
N LYS A 265 16.34 -1.25 9.06
CA LYS A 265 17.06 -0.05 9.57
C LYS A 265 18.56 -0.31 9.59
N GLY A 266 19.19 -0.07 8.47
CA GLY A 266 20.63 -0.24 8.38
C GLY A 266 21.11 -1.64 8.08
N ARG A 267 20.22 -2.61 7.91
CA ARG A 267 20.62 -3.98 7.54
C ARG A 267 20.55 -4.15 6.02
N LEU A 268 21.63 -4.66 5.45
CA LEU A 268 21.64 -5.01 4.03
C LEU A 268 20.76 -6.23 3.78
N ALA A 269 20.12 -6.27 2.59
CA ALA A 269 19.43 -7.47 2.16
C ALA A 269 20.47 -8.50 1.73
N GLU A 270 20.29 -9.73 2.17
CA GLU A 270 21.27 -10.77 1.85
C GLU A 270 20.98 -11.46 0.53
N THR A 271 19.71 -11.52 0.11
CA THR A 271 19.35 -12.14 -1.17
C THR A 271 18.25 -11.35 -1.85
N ASN A 272 18.22 -11.50 -3.17
CA ASN A 272 17.06 -11.07 -3.93
C ASN A 272 15.81 -11.79 -3.46
N ALA A 273 15.91 -13.11 -3.21
CA ALA A 273 14.70 -13.84 -2.76
C ALA A 273 14.08 -13.23 -1.51
N GLN A 274 14.89 -12.69 -0.60
CA GLN A 274 14.33 -12.09 0.60
C GLN A 274 13.45 -10.88 0.28
N GLN A 275 13.77 -10.08 -0.75
CA GLN A 275 12.86 -9.00 -1.11
C GLN A 275 11.64 -9.51 -1.82
N VAL A 276 11.78 -10.59 -2.61
CA VAL A 276 10.60 -11.19 -3.22
C VAL A 276 9.66 -11.68 -2.16
N ARG A 277 10.20 -12.31 -1.10
CA ARG A 277 9.37 -12.81 -0.01
C ARG A 277 8.63 -11.68 0.68
N ALA A 278 9.29 -10.52 0.85
CA ALA A 278 8.62 -9.40 1.50
C ALA A 278 7.48 -8.86 0.64
N ALA A 279 7.74 -8.69 -0.65
CA ALA A 279 6.68 -8.23 -1.53
C ALA A 279 5.54 -9.24 -1.56
N ARG A 280 5.87 -10.54 -1.52
CA ARG A 280 4.83 -11.58 -1.50
C ARG A 280 4.00 -11.51 -0.21
N GLN A 281 4.62 -11.14 0.91
CA GLN A 281 3.87 -11.03 2.16
C GLN A 281 2.86 -9.91 2.05
N ILE A 282 3.24 -8.81 1.44
CA ILE A 282 2.31 -7.70 1.23
C ILE A 282 1.19 -8.09 0.27
N VAL A 283 1.53 -8.70 -0.87
CA VAL A 283 0.52 -9.14 -1.84
C VAL A 283 -0.48 -10.08 -1.18
N GLU A 284 0.03 -11.08 -0.45
CA GLU A 284 -0.89 -12.05 0.15
C GLU A 284 -1.66 -11.42 1.31
N GLY A 285 -1.04 -10.51 2.00
CA GLY A 285 -1.76 -9.81 3.08
C GLY A 285 -2.95 -9.02 2.55
N LEU A 286 -2.85 -8.50 1.33
CA LEU A 286 -3.94 -7.84 0.65
C LEU A 286 -5.01 -8.81 0.20
N GLY A 287 -4.79 -10.11 0.35
CA GLY A 287 -5.74 -11.02 -0.24
C GLY A 287 -5.54 -11.32 -1.70
N LEU A 288 -4.38 -10.94 -2.28
CA LEU A 288 -4.11 -11.17 -3.69
C LEU A 288 -3.11 -12.33 -3.82
N GLU A 289 -2.77 -12.66 -5.07
CA GLU A 289 -1.86 -13.77 -5.29
C GLU A 289 -0.74 -13.35 -6.23
N VAL A 290 0.42 -13.93 -6.04
CA VAL A 290 1.56 -13.65 -6.92
C VAL A 290 1.36 -14.39 -8.25
N ALA A 291 1.59 -13.69 -9.36
CA ALA A 291 1.44 -14.31 -10.68
C ALA A 291 2.54 -15.35 -10.94
N THR A 292 2.18 -16.47 -11.55
CA THR A 292 3.17 -17.43 -12.05
C THR A 292 3.77 -16.91 -13.36
N PRO A 293 4.87 -17.50 -13.83
CA PRO A 293 5.36 -17.10 -15.16
C PRO A 293 4.35 -17.28 -16.26
N ALA A 294 3.52 -18.33 -16.24
CA ALA A 294 2.54 -18.47 -17.30
C ALA A 294 1.49 -17.37 -17.25
N GLU A 295 1.07 -16.97 -16.05
CA GLU A 295 0.15 -15.85 -15.90
C GLU A 295 0.77 -14.53 -16.36
N ALA A 296 2.04 -14.30 -16.00
CA ALA A 296 2.70 -13.08 -16.47
C ALA A 296 2.79 -13.04 -17.98
N ARG A 297 3.07 -14.19 -18.61
CA ARG A 297 3.13 -14.22 -20.07
C ARG A 297 1.79 -13.87 -20.68
N GLU A 298 0.67 -14.28 -20.05
CA GLU A 298 -0.64 -13.89 -20.58
CA GLU A 298 -0.65 -13.90 -20.56
C GLU A 298 -0.90 -12.41 -20.34
N LEU A 299 -0.61 -11.93 -19.13
CA LEU A 299 -0.85 -10.50 -18.81
C LEU A 299 -0.02 -9.57 -19.69
N LEU A 300 1.20 -9.98 -20.05
CA LEU A 300 2.11 -9.14 -20.82
C LEU A 300 2.17 -9.52 -22.30
N ALA A 301 1.37 -10.50 -22.73
CA ALA A 301 1.31 -10.94 -24.13
C ALA A 301 2.67 -11.32 -24.71
N LEU A 302 3.39 -12.17 -23.98
CA LEU A 302 4.76 -12.51 -24.33
C LEU A 302 4.81 -13.73 -25.21
N LYS A 303 5.95 -13.91 -25.89
CA LYS A 303 6.01 -14.94 -26.93
C LYS A 303 6.23 -16.37 -26.41
N GLY A 304 6.63 -16.56 -25.17
CA GLY A 304 6.91 -17.88 -24.64
C GLY A 304 8.37 -18.09 -24.33
N GLY A 305 8.64 -18.80 -23.22
CA GLY A 305 9.99 -19.04 -22.77
C GLY A 305 10.80 -19.97 -23.67
N ASP A 306 10.13 -20.69 -24.58
CA ASP A 306 10.85 -21.51 -25.53
C ASP A 306 11.26 -20.74 -26.78
N GLN A 307 10.61 -19.60 -27.05
CA GLN A 307 10.79 -18.92 -28.34
C GLN A 307 11.90 -17.89 -28.26
N VAL A 308 13.04 -18.36 -27.78
CA VAL A 308 14.17 -17.48 -27.48
C VAL A 308 15.43 -18.20 -27.96
N ASN A 309 16.51 -17.44 -28.13
CA ASN A 309 17.77 -18.01 -28.61
C ASN A 309 18.74 -18.32 -27.48
N PHE A 310 18.29 -19.17 -26.56
CA PHE A 310 19.08 -19.72 -25.45
C PHE A 310 18.31 -20.83 -24.76
N LEU B 3 9.15 6.00 18.05
CA LEU B 3 7.86 5.65 17.53
C LEU B 3 7.92 5.59 16.03
N ASN B 4 9.10 5.82 15.43
CA ASN B 4 9.21 5.69 13.99
C ASN B 4 8.79 4.29 13.55
N GLY B 5 7.98 4.25 12.51
CA GLY B 5 7.65 2.97 11.96
C GLY B 5 6.59 2.18 12.71
N LYS B 6 5.95 2.78 13.69
CA LYS B 6 4.92 2.11 14.48
C LYS B 6 3.54 2.46 13.93
N VAL B 7 2.75 1.45 13.60
CA VAL B 7 1.45 1.63 12.97
C VAL B 7 0.35 1.24 13.96
N ILE B 8 -0.53 2.18 14.27
CA ILE B 8 -1.68 1.91 15.14
C ILE B 8 -2.74 1.20 14.33
N ILE B 9 -3.15 0.04 14.79
CA ILE B 9 -4.31 -0.65 14.24
C ILE B 9 -5.49 -0.42 15.19
N THR B 10 -6.52 0.26 14.68
CA THR B 10 -7.83 0.32 15.33
C THR B 10 -8.67 -0.83 14.83
N CYS B 11 -9.39 -1.44 15.75
CA CYS B 11 -10.38 -2.46 15.35
C CYS B 11 -11.76 -2.07 15.85
N ALA B 12 -12.69 -1.88 14.89
CA ALA B 12 -14.08 -1.50 15.18
C ALA B 12 -14.89 -2.77 15.10
N VAL B 13 -15.35 -3.28 16.24
CA VAL B 13 -15.76 -4.68 16.32
C VAL B 13 -17.18 -5.00 15.85
N THR B 14 -18.13 -4.03 15.92
CA THR B 14 -19.49 -4.38 15.52
C THR B 14 -20.25 -3.22 14.90
N GLY B 15 -20.16 -2.07 15.52
CA GLY B 15 -20.80 -0.87 14.96
C GLY B 15 -22.31 -0.93 14.98
N ALA B 16 -22.87 -0.18 14.04
CA ALA B 16 -24.33 -0.01 13.89
C ALA B 16 -24.75 0.00 12.45
N ILE B 17 -23.84 -0.15 11.49
CA ILE B 17 -24.20 -0.08 10.08
C ILE B 17 -24.53 -1.46 9.52
N HIS B 18 -23.73 -2.47 9.80
CA HIS B 18 -24.09 -3.84 9.43
C HIS B 18 -25.13 -4.41 10.40
N THR B 19 -25.83 -5.43 9.95
CA THR B 19 -26.92 -6.01 10.73
C THR B 19 -26.73 -7.52 10.77
N PRO B 20 -27.29 -8.18 11.79
CA PRO B 20 -26.97 -9.59 12.02
C PRO B 20 -27.30 -10.49 10.87
N SER B 21 -28.36 -10.20 10.11
CA SER B 21 -28.72 -11.11 9.03
C SER B 21 -27.73 -11.04 7.89
N MET B 22 -26.84 -10.03 7.86
CA MET B 22 -25.80 -9.98 6.83
C MET B 22 -24.64 -10.94 7.10
N SER B 23 -24.39 -11.31 8.36
CA SER B 23 -23.28 -12.21 8.61
C SER B 23 -23.48 -12.79 10.01
N PRO B 24 -23.32 -14.09 10.16
CA PRO B 24 -23.46 -14.69 11.51
C PRO B 24 -22.27 -14.41 12.38
N TYR B 25 -21.26 -13.79 11.84
CA TYR B 25 -20.06 -13.49 12.59
C TYR B 25 -20.09 -12.08 13.15
N LEU B 26 -21.12 -11.27 12.85
CA LEU B 26 -21.16 -9.94 13.44
C LEU B 26 -21.47 -10.04 14.93
N PRO B 27 -20.64 -9.48 15.82
CA PRO B 27 -20.87 -9.70 17.26
C PRO B 27 -22.12 -8.97 17.72
N VAL B 28 -22.94 -9.64 18.54
CA VAL B 28 -24.18 -9.04 19.02
C VAL B 28 -24.24 -8.92 20.54
N SER B 29 -24.06 -10.04 21.24
CA SER B 29 -24.20 -9.99 22.68
C SER B 29 -23.00 -9.27 23.29
N ALA B 30 -23.16 -8.84 24.55
CA ALA B 30 -22.03 -8.19 25.22
C ALA B 30 -20.81 -9.11 25.23
N SER B 31 -21.01 -10.41 25.51
CA SER B 31 -19.84 -11.31 25.54
C SER B 31 -19.27 -11.57 24.15
N GLU B 32 -20.10 -11.55 23.10
CA GLU B 32 -19.48 -11.66 21.77
C GLU B 32 -18.67 -10.41 21.46
N ILE B 33 -19.12 -9.23 21.90
CA ILE B 33 -18.38 -7.98 21.67
C ILE B 33 -17.10 -7.93 22.49
N THR B 34 -17.14 -8.38 23.74
CA THR B 34 -15.90 -8.37 24.52
C THR B 34 -14.91 -9.41 23.99
N ASP B 35 -15.41 -10.61 23.62
CA ASP B 35 -14.50 -11.62 23.08
C ASP B 35 -13.89 -11.11 21.78
N ALA B 36 -14.70 -10.44 20.97
CA ALA B 36 -14.16 -9.90 19.73
C ALA B 36 -13.07 -8.87 20.00
N ALA B 37 -13.33 -7.94 20.94
CA ALA B 37 -12.35 -6.90 21.27
C ALA B 37 -11.07 -7.48 21.83
N ILE B 38 -11.20 -8.44 22.77
CA ILE B 38 -10.00 -9.02 23.38
C ILE B 38 -9.22 -9.78 22.32
N GLY B 39 -9.91 -10.53 21.45
CA GLY B 39 -9.18 -11.23 20.38
C GLY B 39 -8.49 -10.30 19.43
N ALA B 40 -9.14 -9.18 19.09
CA ALA B 40 -8.53 -8.19 18.21
C ALA B 40 -7.32 -7.54 18.84
N ALA B 41 -7.42 -7.20 20.13
CA ALA B 41 -6.27 -6.60 20.81
C ALA B 41 -5.11 -7.57 20.91
N GLU B 42 -5.41 -8.84 21.19
CA GLU B 42 -4.36 -9.86 21.24
C GLU B 42 -3.68 -10.06 19.88
N ALA B 43 -4.42 -9.82 18.79
CA ALA B 43 -3.87 -9.92 17.46
C ALA B 43 -3.06 -8.71 17.08
N GLY B 44 -3.17 -7.63 17.83
CA GLY B 44 -2.37 -6.48 17.52
C GLY B 44 -3.10 -5.14 17.47
N ALA B 45 -4.40 -5.10 17.77
CA ALA B 45 -5.11 -3.82 17.69
C ALA B 45 -4.91 -3.01 18.97
N ALA B 46 -4.34 -1.83 18.87
CA ALA B 46 -4.09 -1.03 20.07
C ALA B 46 -5.28 -0.21 20.50
N VAL B 47 -6.25 0.04 19.61
CA VAL B 47 -7.45 0.80 19.91
C VAL B 47 -8.64 -0.03 19.47
N ILE B 48 -9.64 -0.15 20.35
CA ILE B 48 -10.89 -0.84 20.02
C ILE B 48 -12.01 0.16 20.00
N HIS B 49 -12.69 0.28 18.86
CA HIS B 49 -13.83 1.19 18.68
C HIS B 49 -15.09 0.37 18.92
N LEU B 50 -15.89 0.84 19.89
CA LEU B 50 -16.98 0.03 20.47
C LEU B 50 -18.34 0.67 20.27
N HIS B 51 -19.31 -0.23 19.98
CA HIS B 51 -20.74 0.04 20.06
C HIS B 51 -21.33 -1.11 20.84
N ALA B 52 -22.61 -0.98 21.26
CA ALA B 52 -23.36 -2.04 21.88
C ALA B 52 -24.60 -2.34 21.07
N ARG B 53 -25.22 -3.50 21.32
CA ARG B 53 -26.43 -3.87 20.59
C ARG B 53 -27.42 -4.51 21.55
N HIS B 54 -28.70 -4.46 21.20
CA HIS B 54 -29.68 -5.19 22.02
C HIS B 54 -29.49 -6.68 21.80
N GLU B 55 -29.47 -7.45 22.88
CA GLU B 55 -29.13 -8.87 22.75
CA GLU B 55 -29.11 -8.84 22.70
C GLU B 55 -30.22 -9.65 22.04
N GLY B 56 -31.47 -9.21 22.20
CA GLY B 56 -32.60 -9.97 21.68
C GLY B 56 -32.69 -9.96 20.16
N ASP B 57 -32.52 -8.77 19.54
CA ASP B 57 -32.68 -8.67 18.09
C ASP B 57 -31.50 -8.06 17.37
N GLY B 58 -30.43 -7.71 18.09
CA GLY B 58 -29.24 -7.20 17.47
C GLY B 58 -29.28 -5.75 17.06
N SER B 59 -30.38 -5.04 17.32
CA SER B 59 -30.47 -3.66 16.90
C SER B 59 -29.53 -2.78 17.74
N PRO B 60 -29.13 -1.65 17.22
CA PRO B 60 -28.18 -0.80 17.97
C PRO B 60 -28.74 -0.37 19.33
N ASP B 61 -27.86 -0.31 20.35
CA ASP B 61 -28.25 0.12 21.70
C ASP B 61 -27.20 1.12 22.14
N GLN B 62 -27.54 2.41 22.07
CA GLN B 62 -26.65 3.50 22.47
C GLN B 62 -26.86 4.02 23.93
N SER B 63 -27.47 3.24 24.78
CA SER B 63 -27.67 3.66 26.17
C SER B 63 -26.38 3.49 26.98
N VAL B 64 -26.27 4.30 28.05
CA VAL B 64 -25.10 4.19 28.95
C VAL B 64 -24.91 2.74 29.42
N GLU B 65 -25.97 2.14 29.95
CA GLU B 65 -25.80 0.86 30.60
C GLU B 65 -25.50 -0.27 29.64
N ALA B 66 -25.77 -0.07 28.35
CA ALA B 66 -25.42 -1.14 27.41
C ALA B 66 -23.92 -1.35 27.35
N PHE B 67 -23.12 -0.36 27.79
CA PHE B 67 -21.67 -0.51 27.78
C PHE B 67 -21.16 -1.08 29.09
N ASN B 68 -21.99 -1.17 30.12
CA ASN B 68 -21.48 -1.67 31.39
C ASN B 68 -20.93 -3.08 31.36
N PRO B 69 -21.52 -4.05 30.65
CA PRO B 69 -20.93 -5.37 30.60
C PRO B 69 -19.86 -5.51 29.52
N ILE B 70 -19.41 -4.39 28.96
CA ILE B 70 -18.44 -4.38 27.89
C ILE B 70 -17.12 -3.79 28.34
N LEU B 71 -17.16 -2.53 28.85
CA LEU B 71 -15.90 -1.79 29.01
C LEU B 71 -15.01 -2.38 30.08
N GLY B 72 -15.53 -2.55 31.29
CA GLY B 72 -14.70 -3.09 32.35
C GLY B 72 -14.19 -4.49 32.08
N VAL B 73 -14.97 -5.31 31.36
CA VAL B 73 -14.53 -6.66 31.00
C VAL B 73 -13.32 -6.60 30.08
N ILE B 74 -13.39 -5.77 29.03
CA ILE B 74 -12.23 -5.68 28.15
C ILE B 74 -11.04 -5.13 28.91
N LYS B 75 -11.25 -4.08 29.72
CA LYS B 75 -10.13 -3.46 30.43
C LYS B 75 -9.43 -4.46 31.36
N GLN B 76 -10.20 -5.35 31.99
CA GLN B 76 -9.60 -6.33 32.87
C GLN B 76 -8.70 -7.30 32.11
N ALA B 77 -8.96 -7.53 30.81
CA ALA B 77 -8.21 -8.49 30.05
C ALA B 77 -7.14 -7.88 29.15
N SER B 78 -7.19 -6.58 28.86
CA SER B 78 -6.34 -6.04 27.83
C SER B 78 -6.09 -4.60 28.15
N ASP B 79 -4.88 -4.12 27.81
CA ASP B 79 -4.51 -2.72 27.97
CA ASP B 79 -4.53 -2.71 27.99
C ASP B 79 -4.87 -1.85 26.78
N ALA B 80 -5.62 -2.38 25.82
CA ALA B 80 -6.00 -1.61 24.65
C ALA B 80 -6.77 -0.36 25.02
N VAL B 81 -6.63 0.66 24.17
CA VAL B 81 -7.40 1.89 24.32
C VAL B 81 -8.83 1.65 23.88
N LEU B 82 -9.76 1.96 24.74
CA LEU B 82 -11.19 1.79 24.42
C LEU B 82 -11.82 3.08 23.95
N ASN B 83 -12.47 3.00 22.80
CA ASN B 83 -13.00 4.20 22.11
C ASN B 83 -14.51 4.01 21.98
N ILE B 84 -15.26 4.90 22.60
CA ILE B 84 -16.72 4.75 22.61
C ILE B 84 -17.37 5.60 21.52
N THR B 85 -18.26 4.98 20.77
CA THR B 85 -19.00 5.73 19.75
C THR B 85 -19.83 6.87 20.34
N THR B 86 -19.98 7.93 19.56
CA THR B 86 -21.00 8.95 19.81
C THR B 86 -22.05 8.98 18.71
N GLY B 87 -22.12 7.94 17.89
CA GLY B 87 -23.18 7.89 16.88
C GLY B 87 -24.51 7.52 17.48
N GLY B 88 -25.57 7.65 16.68
CA GLY B 88 -26.84 7.20 17.21
C GLY B 88 -27.86 7.19 16.12
N ALA B 89 -29.07 6.69 16.46
CA ALA B 89 -30.17 6.77 15.51
C ALA B 89 -30.34 8.22 15.06
N PRO B 90 -30.87 8.46 13.85
CA PRO B 90 -30.95 9.86 13.36
C PRO B 90 -31.82 10.78 14.19
N THR B 91 -32.78 10.25 14.95
CA THR B 91 -33.71 11.02 15.78
C THR B 91 -33.25 11.20 17.21
N MET B 92 -32.08 10.69 17.58
CA MET B 92 -31.54 10.86 18.93
C MET B 92 -30.78 12.18 19.01
N SER B 93 -31.01 12.93 20.08
CA SER B 93 -30.32 14.19 20.25
C SER B 93 -28.82 13.95 20.51
N ILE B 94 -28.03 14.97 20.21
CA ILE B 94 -26.61 14.86 20.46
C ILE B 94 -26.35 14.69 21.96
N ALA B 95 -27.18 15.31 22.81
CA ALA B 95 -26.97 15.13 24.24
C ALA B 95 -27.17 13.67 24.64
N GLU B 96 -28.17 13.01 24.07
CA GLU B 96 -28.38 11.60 24.40
C GLU B 96 -27.29 10.71 23.79
N ARG B 97 -26.92 10.98 22.55
CA ARG B 97 -25.84 10.23 21.92
C ARG B 97 -24.53 10.21 22.72
N ILE B 98 -24.18 11.34 23.36
CA ILE B 98 -22.91 11.42 24.09
C ILE B 98 -23.01 10.88 25.51
N GLN B 99 -24.17 10.46 26.00
CA GLN B 99 -24.24 10.05 27.41
C GLN B 99 -23.28 8.91 27.74
N PRO B 100 -23.10 7.89 26.92
CA PRO B 100 -22.15 6.84 27.29
C PRO B 100 -20.73 7.37 27.48
N ALA B 101 -20.20 8.11 26.52
CA ALA B 101 -18.84 8.63 26.69
C ALA B 101 -18.81 9.65 27.82
N GLN B 102 -19.90 10.38 28.03
CA GLN B 102 -19.91 11.36 29.10
C GLN B 102 -19.78 10.68 30.44
N HIS B 103 -20.49 9.57 30.65
CA HIS B 103 -20.44 8.88 31.92
C HIS B 103 -19.12 8.16 32.10
N TYR B 104 -18.68 7.43 31.06
CA TYR B 104 -17.54 6.53 31.20
C TYR B 104 -16.20 7.24 31.07
N ARG B 105 -16.19 8.45 30.53
CA ARG B 105 -14.97 9.24 30.37
C ARG B 105 -13.84 8.40 29.78
N PRO B 106 -14.06 7.81 28.61
CA PRO B 106 -13.00 7.03 27.95
C PRO B 106 -11.85 7.91 27.47
N GLU B 107 -10.76 7.23 27.14
CA GLU B 107 -9.63 7.94 26.56
C GLU B 107 -9.95 8.49 25.17
N LEU B 108 -10.78 7.75 24.41
CA LEU B 108 -11.20 8.18 23.08
C LEU B 108 -12.71 8.02 22.92
N ALA B 109 -13.28 8.93 22.12
CA ALA B 109 -14.64 8.76 21.63
C ALA B 109 -14.64 9.16 20.17
N SER B 110 -15.53 8.54 19.42
CA SER B 110 -15.60 8.87 18.01
C SER B 110 -16.38 10.14 17.82
N LEU B 111 -16.12 10.84 16.73
CA LEU B 111 -16.80 12.13 16.48
C LEU B 111 -16.95 12.27 14.97
N ASN B 112 -18.18 12.13 14.44
CA ASN B 112 -18.41 12.36 13.01
C ASN B 112 -18.48 13.86 12.76
N MET B 113 -17.66 14.31 11.80
CA MET B 113 -17.44 15.75 11.62
C MET B 113 -18.43 16.45 10.70
N GLY B 114 -19.45 15.80 10.22
CA GLY B 114 -20.44 16.52 9.43
C GLY B 114 -21.76 15.78 9.31
N THR B 115 -22.81 16.51 8.91
CA THR B 115 -24.10 15.90 8.61
C THR B 115 -24.04 15.34 7.21
N MET B 116 -24.57 14.15 7.00
CA MET B 116 -24.46 13.50 5.69
C MET B 116 -25.59 12.48 5.48
N ASN B 117 -25.93 12.25 4.21
CA ASN B 117 -26.76 11.12 3.87
C ASN B 117 -25.99 9.83 4.15
N PHE B 118 -26.74 8.74 4.31
CA PHE B 118 -26.12 7.43 4.31
C PHE B 118 -27.16 6.48 3.73
N GLY B 119 -26.70 5.45 3.03
CA GLY B 119 -27.67 4.50 2.52
C GLY B 119 -27.10 3.09 2.37
N LEU B 120 -27.98 2.10 2.59
CA LEU B 120 -27.68 0.71 2.25
C LEU B 120 -28.70 0.16 1.28
N PHE B 121 -29.73 0.94 0.91
CA PHE B 121 -30.85 0.40 0.12
C PHE B 121 -30.45 -0.31 -1.18
N PRO B 122 -29.35 0.01 -1.86
CA PRO B 122 -28.99 -0.78 -3.07
C PRO B 122 -28.77 -2.28 -2.79
N MET B 123 -28.50 -2.64 -1.54
CA MET B 123 -28.31 -4.05 -1.23
C MET B 123 -29.62 -4.76 -0.90
N LEU B 124 -30.76 -4.05 -0.92
CA LEU B 124 -32.00 -4.64 -0.44
C LEU B 124 -32.45 -5.80 -1.33
N ASN B 125 -32.28 -5.67 -2.66
CA ASN B 125 -32.73 -6.72 -3.57
C ASN B 125 -32.07 -8.05 -3.24
N ARG B 126 -30.75 -8.04 -3.07
CA ARG B 126 -30.01 -9.25 -2.75
C ARG B 126 -30.32 -9.77 -1.35
N TYR B 127 -30.43 -8.86 -0.36
CA TYR B 127 -30.51 -9.27 1.03
C TYR B 127 -31.91 -9.40 1.62
N GLU B 128 -32.96 -8.93 0.95
CA GLU B 128 -34.27 -8.86 1.58
C GLU B 128 -34.71 -10.23 2.08
N SER B 129 -34.57 -11.26 1.24
CA SER B 129 -35.10 -12.55 1.64
C SER B 129 -34.45 -13.08 2.90
N GLN B 130 -33.18 -12.74 3.15
CA GLN B 130 -32.49 -13.30 4.32
C GLN B 130 -32.62 -12.44 5.56
N LEU B 131 -33.29 -11.29 5.48
CA LEU B 131 -33.44 -10.45 6.66
C LEU B 131 -34.40 -11.08 7.63
N LYS B 132 -33.96 -11.31 8.86
CA LYS B 132 -34.75 -12.02 9.85
C LYS B 132 -35.57 -11.11 10.73
N HIS B 133 -35.23 -9.82 10.80
CA HIS B 133 -35.94 -8.91 11.70
C HIS B 133 -36.52 -7.73 10.94
N GLN B 134 -37.70 -7.31 11.37
CA GLN B 134 -38.32 -6.17 10.72
C GLN B 134 -37.48 -4.91 10.82
N TRP B 135 -36.73 -4.70 11.92
CA TRP B 135 -35.94 -3.49 12.03
C TRP B 135 -34.89 -3.44 10.93
N GLU B 136 -34.41 -4.61 10.49
CA GLU B 136 -33.42 -4.62 9.42
C GLU B 136 -34.07 -4.26 8.12
N ARG B 137 -35.29 -4.75 7.87
CA ARG B 137 -36.02 -4.37 6.66
C ARG B 137 -36.31 -2.86 6.64
N ASN B 138 -36.71 -2.29 7.77
CA ASN B 138 -37.02 -0.86 7.82
C ASN B 138 -35.78 -0.04 7.55
N TYR B 139 -34.65 -0.47 8.09
CA TYR B 139 -33.40 0.27 7.94
C TYR B 139 -32.80 0.12 6.54
N LEU B 140 -32.66 -1.11 6.06
CA LEU B 140 -32.04 -1.28 4.75
C LEU B 140 -32.85 -0.61 3.68
N GLY B 141 -34.16 -0.52 3.85
CA GLY B 141 -34.99 0.09 2.82
C GLY B 141 -35.09 1.61 2.88
N ASN B 142 -34.50 2.22 3.89
CA ASN B 142 -34.75 3.65 4.18
C ASN B 142 -33.87 4.50 3.26
N LYS B 143 -34.48 5.31 2.39
CA LYS B 143 -33.74 6.20 1.49
C LYS B 143 -33.59 7.58 2.10
N ASP B 144 -34.01 7.76 3.37
CA ASP B 144 -33.98 9.07 4.01
C ASP B 144 -33.11 9.13 5.24
N ILE B 145 -32.09 8.29 5.31
CA ILE B 145 -31.17 8.32 6.44
C ILE B 145 -30.21 9.49 6.36
N ILE B 146 -30.09 10.20 7.46
CA ILE B 146 -29.10 11.26 7.64
C ILE B 146 -28.36 10.94 8.94
N PHE B 147 -27.05 11.07 8.95
CA PHE B 147 -26.29 11.18 10.21
C PHE B 147 -26.15 12.68 10.50
N ARG B 148 -26.78 13.16 11.55
CA ARG B 148 -26.83 14.59 11.86
C ARG B 148 -25.67 14.95 12.81
N ASN B 149 -24.83 15.91 12.39
CA ASN B 149 -23.73 16.39 13.20
C ASN B 149 -23.51 17.85 12.82
N THR B 150 -24.40 18.73 13.30
CA THR B 150 -24.28 20.15 12.92
C THR B 150 -23.06 20.78 13.55
N PHE B 151 -22.73 21.99 13.12
CA PHE B 151 -21.65 22.72 13.79
C PHE B 151 -21.91 22.86 15.27
N GLY B 152 -23.16 23.15 15.66
CA GLY B 152 -23.51 23.24 17.07
C GLY B 152 -23.38 21.90 17.77
N ASP B 153 -23.80 20.83 17.12
CA ASP B 153 -23.67 19.49 17.72
C ASP B 153 -22.21 19.16 18.00
N VAL B 154 -21.35 19.37 17.01
CA VAL B 154 -19.94 18.99 17.15
C VAL B 154 -19.29 19.80 18.24
N GLU B 155 -19.58 21.08 18.29
CA GLU B 155 -19.08 21.93 19.37
C GLU B 155 -19.51 21.40 20.73
N HIS B 156 -20.77 21.00 20.85
CA HIS B 156 -21.24 20.49 22.13
C HIS B 156 -20.47 19.24 22.52
N VAL B 157 -20.20 18.34 21.56
CA VAL B 157 -19.45 17.14 21.88
C VAL B 157 -18.05 17.52 22.34
N MET B 158 -17.41 18.42 21.60
CA MET B 158 -16.03 18.78 21.91
C MET B 158 -15.92 19.35 23.31
N THR B 159 -16.81 20.29 23.67
CA THR B 159 -16.72 20.91 24.99
C THR B 159 -17.11 19.93 26.09
N THR B 160 -18.18 19.18 25.89
CA THR B 160 -18.71 18.38 26.97
C THR B 160 -17.81 17.19 27.24
N LEU B 161 -17.43 16.45 26.18
CA LEU B 161 -16.58 15.29 26.42
C LEU B 161 -15.14 15.68 26.67
N GLY B 162 -14.66 16.77 26.05
CA GLY B 162 -13.31 17.23 26.35
C GLY B 162 -13.09 17.51 27.81
N ALA B 163 -14.11 17.98 28.52
CA ALA B 163 -13.94 18.30 29.92
C ALA B 163 -13.64 17.06 30.74
N GLY B 164 -14.02 15.86 30.26
CA GLY B 164 -13.66 14.64 30.96
C GLY B 164 -12.35 14.02 30.53
N GLY B 165 -11.55 14.73 29.74
CA GLY B 165 -10.26 14.26 29.32
C GLY B 165 -10.31 13.32 28.13
N THR B 166 -11.50 13.10 27.58
CA THR B 166 -11.64 12.28 26.40
C THR B 166 -11.13 13.05 25.19
N ARG B 167 -10.38 12.37 24.35
CA ARG B 167 -9.96 12.89 23.05
C ARG B 167 -10.71 12.14 21.97
N PHE B 168 -10.63 12.66 20.74
CA PHE B 168 -11.55 12.16 19.70
C PHE B 168 -10.84 11.43 18.58
N GLU B 169 -11.53 10.40 18.09
CA GLU B 169 -11.28 9.86 16.75
C GLU B 169 -12.20 10.66 15.82
N PHE B 170 -11.63 11.66 15.13
CA PHE B 170 -12.42 12.52 14.23
C PHE B 170 -12.68 11.78 12.94
N GLU B 171 -13.92 11.31 12.77
CA GLU B 171 -14.29 10.59 11.56
C GLU B 171 -14.68 11.57 10.47
N CYS B 172 -13.91 11.56 9.38
CA CYS B 172 -14.07 12.50 8.28
C CYS B 172 -14.38 11.71 7.04
N TYR B 173 -15.64 11.87 6.56
CA TYR B 173 -16.15 11.04 5.48
C TYR B 173 -16.05 11.74 4.14
N ASP B 174 -15.51 12.95 4.11
CA ASP B 174 -15.27 13.68 2.85
C ASP B 174 -14.42 14.91 3.17
N THR B 175 -14.06 15.64 2.13
CA THR B 175 -13.18 16.81 2.28
C THR B 175 -13.79 17.80 3.25
N SER B 176 -15.09 18.02 3.16
CA SER B 176 -15.68 19.09 3.98
C SER B 176 -15.57 18.80 5.45
N HIS B 177 -15.41 17.52 5.82
CA HIS B 177 -15.25 17.19 7.22
C HIS B 177 -13.92 17.62 7.72
N LEU B 178 -12.88 17.54 6.87
CA LEU B 178 -11.59 18.08 7.31
C LEU B 178 -11.63 19.60 7.43
N TYR B 179 -12.33 20.29 6.52
CA TYR B 179 -12.48 21.73 6.66
C TYR B 179 -13.31 22.09 7.89
N ASN B 180 -14.36 21.30 8.23
CA ASN B 180 -15.11 21.54 9.45
C ASN B 180 -14.19 21.39 10.67
N LEU B 181 -13.34 20.35 10.66
CA LEU B 181 -12.41 20.15 11.76
C LEU B 181 -11.45 21.32 11.86
N LYS B 182 -10.98 21.84 10.72
CA LYS B 182 -10.07 22.99 10.76
C LYS B 182 -10.76 24.19 11.42
N HIS B 183 -12.05 24.41 11.19
CA HIS B 183 -12.75 25.52 11.85
C HIS B 183 -12.65 25.40 13.37
N PHE B 184 -12.86 24.18 13.91
CA PHE B 184 -12.84 24.01 15.36
C PHE B 184 -11.42 24.01 15.90
N TYR B 185 -10.46 23.53 15.14
CA TYR B 185 -9.07 23.52 15.58
C TYR B 185 -8.56 24.95 15.67
N ASP B 186 -8.89 25.75 14.67
CA ASP B 186 -8.44 27.16 14.70
C ASP B 186 -9.09 27.94 15.83
N ARG B 187 -10.28 27.53 16.29
CA ARG B 187 -10.95 28.13 17.44
C ARG B 187 -10.37 27.62 18.75
N GLY B 188 -9.50 26.63 18.73
CA GLY B 188 -8.98 26.04 19.96
C GLY B 188 -9.87 25.08 20.70
N LEU B 189 -11.00 24.64 20.10
CA LEU B 189 -11.90 23.75 20.82
C LEU B 189 -11.38 22.33 20.94
N VAL B 190 -10.48 21.95 20.02
CA VAL B 190 -9.70 20.72 20.14
C VAL B 190 -8.23 21.09 19.92
N LYS B 191 -7.35 20.45 20.68
CA LYS B 191 -5.92 20.64 20.54
C LYS B 191 -5.30 19.41 19.91
N GLY B 192 -4.21 19.60 19.18
CA GLY B 192 -3.51 18.48 18.58
C GLY B 192 -2.78 17.65 19.64
N PRO B 193 -2.26 16.50 19.25
CA PRO B 193 -2.36 15.96 17.89
C PRO B 193 -3.74 15.39 17.61
N LEU B 194 -4.30 15.75 16.47
CA LEU B 194 -5.66 15.30 16.14
C LEU B 194 -5.62 13.91 15.54
N PHE B 195 -6.47 13.02 16.03
CA PHE B 195 -6.54 11.66 15.46
C PHE B 195 -7.61 11.67 14.36
N ILE B 196 -7.16 11.74 13.11
CA ILE B 196 -8.09 11.95 11.98
C ILE B 196 -8.30 10.64 11.26
N GLN B 197 -9.55 10.12 11.30
CA GLN B 197 -9.89 8.84 10.65
C GLN B 197 -10.64 9.17 9.36
N THR B 198 -9.96 9.06 8.22
CA THR B 198 -10.62 9.38 6.94
C THR B 198 -11.29 8.13 6.43
N VAL B 199 -12.61 8.23 6.16
CA VAL B 199 -13.48 7.08 5.92
C VAL B 199 -13.86 7.09 4.44
N PHE B 200 -13.55 6.00 3.75
CA PHE B 200 -13.76 5.87 2.30
C PHE B 200 -14.72 4.77 1.95
N GLY B 201 -15.58 5.05 0.99
CA GLY B 201 -16.36 4.03 0.34
C GLY B 201 -17.79 3.88 0.80
N LEU B 202 -18.24 4.65 1.78
CA LEU B 202 -19.66 4.56 2.17
C LEU B 202 -20.56 5.34 1.24
N MET B 203 -21.78 4.85 1.04
CA MET B 203 -22.76 5.57 0.24
C MET B 203 -23.25 6.79 1.01
N GLY B 204 -22.97 7.98 0.46
CA GLY B 204 -23.12 9.23 1.17
C GLY B 204 -21.83 9.87 1.58
N GLY B 205 -20.71 9.14 1.48
CA GLY B 205 -19.40 9.69 1.73
C GLY B 205 -18.54 9.72 0.47
N ILE B 206 -17.28 10.10 0.66
CA ILE B 206 -16.34 10.01 -0.46
C ILE B 206 -16.15 8.53 -0.81
N GLY B 207 -15.81 8.27 -2.07
CA GLY B 207 -15.48 6.93 -2.50
C GLY B 207 -14.14 6.43 -2.02
N ALA B 208 -13.71 5.29 -2.62
CA ALA B 208 -12.50 4.63 -2.15
C ALA B 208 -11.49 4.48 -3.28
N HIS B 209 -11.56 5.37 -4.27
CA HIS B 209 -10.56 5.34 -5.31
C HIS B 209 -9.23 5.84 -4.75
N PRO B 210 -8.08 5.40 -5.31
CA PRO B 210 -6.82 5.90 -4.81
C PRO B 210 -6.70 7.42 -4.84
N ASP B 211 -7.35 8.08 -5.82
CA ASP B 211 -7.28 9.53 -5.83
C ASP B 211 -8.06 10.12 -4.66
N ASP B 212 -9.13 9.43 -4.21
CA ASP B 212 -9.85 9.93 -3.04
C ASP B 212 -8.96 9.84 -1.80
N VAL B 213 -8.21 8.74 -1.66
CA VAL B 213 -7.30 8.57 -0.53
C VAL B 213 -6.25 9.65 -0.52
N LEU B 214 -5.61 9.92 -1.66
CA LEU B 214 -4.57 10.98 -1.67
C LEU B 214 -5.15 12.36 -1.50
N HIS B 215 -6.36 12.58 -1.96
CA HIS B 215 -6.99 13.91 -1.73
C HIS B 215 -7.22 14.14 -0.23
N MET B 216 -7.76 13.14 0.46
CA MET B 216 -7.96 13.36 1.90
C MET B 216 -6.63 13.52 2.63
N LYS B 217 -5.59 12.76 2.25
CA LYS B 217 -4.27 12.92 2.87
C LYS B 217 -3.70 14.32 2.60
N ARG B 218 -3.74 14.75 1.33
CA ARG B 218 -3.14 16.06 1.01
C ARG B 218 -3.87 17.18 1.73
N THR B 219 -5.19 17.09 1.78
CA THR B 219 -5.98 18.12 2.44
C THR B 219 -5.64 18.18 3.92
N ALA B 220 -5.60 17.00 4.57
CA ALA B 220 -5.25 16.98 6.00
C ALA B 220 -3.84 17.51 6.23
N ASP B 221 -2.89 17.11 5.37
CA ASP B 221 -1.54 17.63 5.54
C ASP B 221 -1.51 19.14 5.43
N ARG B 222 -2.25 19.71 4.47
CA ARG B 222 -2.23 21.16 4.32
C ARG B 222 -2.91 21.88 5.49
N LEU B 223 -4.04 21.33 5.98
CA LEU B 223 -4.79 22.04 7.00
C LEU B 223 -4.18 21.87 8.40
N PHE B 224 -3.53 20.71 8.65
CA PHE B 224 -3.09 20.40 10.01
C PHE B 224 -1.60 20.18 10.14
N GLY B 225 -0.88 20.08 9.04
CA GLY B 225 0.59 19.96 9.14
C GLY B 225 1.01 18.72 9.88
N GLN B 226 1.93 18.91 10.83
CA GLN B 226 2.42 17.80 11.63
C GLN B 226 1.54 17.49 12.81
N ASP B 227 0.49 18.27 13.04
CA ASP B 227 -0.27 18.20 14.28
C ASP B 227 -1.47 17.23 14.18
N TYR B 228 -1.32 16.18 13.42
CA TYR B 228 -2.36 15.19 13.40
C TYR B 228 -1.73 13.83 13.17
N ARG B 229 -2.51 12.79 13.41
CA ARG B 229 -2.10 11.44 13.14
C ARG B 229 -3.17 10.89 12.21
N TRP B 230 -2.75 10.41 11.06
CA TRP B 230 -3.71 9.97 10.05
C TRP B 230 -4.02 8.49 10.18
N SER B 231 -5.31 8.14 10.16
CA SER B 231 -5.71 6.75 10.05
C SER B 231 -6.74 6.66 8.93
N VAL B 232 -6.82 5.50 8.33
CA VAL B 232 -7.78 5.24 7.25
C VAL B 232 -8.77 4.16 7.62
N LEU B 233 -9.99 4.28 7.11
CA LEU B 233 -11.05 3.29 7.21
C LEU B 233 -11.53 3.07 5.78
N GLY B 234 -11.13 1.96 5.18
CA GLY B 234 -11.69 1.62 3.88
C GLY B 234 -12.88 0.72 4.04
N ALA B 235 -14.09 1.20 3.77
CA ALA B 235 -15.25 0.37 4.05
C ALA B 235 -15.36 -0.84 3.14
N GLY B 236 -15.94 -1.90 3.67
CA GLY B 236 -16.14 -3.04 2.82
C GLY B 236 -14.84 -3.61 2.31
N ARG B 237 -14.88 -4.12 1.05
CA ARG B 237 -13.75 -4.83 0.44
C ARG B 237 -12.62 -3.90 0.07
N ASN B 238 -12.76 -2.60 0.31
CA ASN B 238 -11.66 -1.68 0.19
C ASN B 238 -10.74 -1.68 1.40
N GLN B 239 -11.09 -2.42 2.47
CA GLN B 239 -10.41 -2.29 3.75
C GLN B 239 -8.87 -2.47 3.65
N LEU B 240 -8.40 -3.55 3.06
CA LEU B 240 -6.97 -3.81 3.09
C LEU B 240 -6.21 -3.02 2.05
N ASN B 241 -6.78 -2.79 0.87
CA ASN B 241 -6.12 -1.92 -0.10
C ASN B 241 -5.83 -0.56 0.51
N ILE B 242 -6.84 0.03 1.16
CA ILE B 242 -6.66 1.36 1.71
C ILE B 242 -5.75 1.31 2.93
N ALA B 243 -5.87 0.26 3.78
CA ALA B 243 -4.90 0.11 4.87
C ALA B 243 -3.46 0.05 4.35
N ALA B 244 -3.23 -0.68 3.26
CA ALA B 244 -1.87 -0.78 2.71
C ALA B 244 -1.36 0.57 2.23
N MET B 245 -2.23 1.35 1.56
CA MET B 245 -1.80 2.69 1.13
C MET B 245 -1.38 3.51 2.34
N SER B 246 -2.25 3.53 3.39
CA SER B 246 -1.92 4.32 4.57
C SER B 246 -0.59 3.88 5.17
N ALA B 247 -0.46 2.58 5.44
CA ALA B 247 0.77 2.14 6.08
C ALA B 247 1.99 2.49 5.27
N ALA B 248 1.89 2.38 3.93
CA ALA B 248 2.99 2.69 3.02
C ALA B 248 3.27 4.18 2.93
N MET B 249 2.38 5.03 3.45
CA MET B 249 2.49 6.48 3.39
C MET B 249 2.72 7.10 4.76
N GLY B 250 2.93 6.32 5.81
CA GLY B 250 3.19 6.89 7.11
C GLY B 250 1.97 7.04 8.00
N GLY B 251 0.84 6.48 7.58
CA GLY B 251 -0.38 6.55 8.34
C GLY B 251 -0.70 5.25 9.07
N HIS B 252 -1.87 5.31 9.74
CA HIS B 252 -2.35 4.21 10.59
C HIS B 252 -3.58 3.57 9.95
N VAL B 253 -4.11 2.50 10.56
CA VAL B 253 -5.07 1.65 9.87
C VAL B 253 -6.21 1.26 10.79
N ARG B 254 -7.41 1.29 10.22
CA ARG B 254 -8.60 0.81 10.95
C ARG B 254 -9.19 -0.39 10.20
N VAL B 255 -9.46 -1.46 10.92
CA VAL B 255 -10.14 -2.62 10.41
C VAL B 255 -11.32 -2.94 11.33
N GLY B 256 -12.00 -4.04 11.06
CA GLY B 256 -13.08 -4.54 11.94
C GLY B 256 -14.37 -4.86 11.19
N LEU B 257 -15.15 -5.75 11.80
CA LEU B 257 -16.44 -6.18 11.23
C LEU B 257 -17.47 -5.06 11.26
N GLU B 258 -17.26 -4.01 12.05
CA GLU B 258 -18.12 -2.85 11.94
C GLU B 258 -18.05 -2.26 10.54
N ASP B 259 -16.86 -2.31 9.93
CA ASP B 259 -16.52 -1.58 8.71
C ASP B 259 -16.56 -2.46 7.48
N ASN B 260 -16.24 -3.74 7.64
CA ASN B 260 -16.15 -4.65 6.51
C ASN B 260 -16.51 -6.04 7.00
N LEU B 261 -17.54 -6.65 6.43
CA LEU B 261 -17.88 -8.03 6.84
C LEU B 261 -17.01 -9.07 6.16
N TRP B 262 -16.19 -8.67 5.21
CA TRP B 262 -15.50 -9.65 4.34
C TRP B 262 -14.05 -9.94 4.68
N ALA B 263 -13.63 -11.12 4.24
CA ALA B 263 -12.21 -11.47 4.29
C ALA B 263 -11.79 -11.46 2.83
N GLY B 264 -11.15 -12.53 2.38
CA GLY B 264 -10.66 -12.53 0.99
C GLY B 264 -11.50 -13.33 0.02
N LYS B 265 -11.45 -12.95 -1.25
CA LYS B 265 -12.05 -13.77 -2.32
C LYS B 265 -13.52 -14.11 -2.10
N GLY B 266 -14.27 -13.14 -1.58
CA GLY B 266 -15.71 -13.26 -1.44
C GLY B 266 -16.19 -13.95 -0.18
N ARG B 267 -15.27 -14.40 0.68
CA ARG B 267 -15.70 -15.04 1.91
C ARG B 267 -15.96 -14.02 3.00
N LEU B 268 -16.92 -14.34 3.84
CA LEU B 268 -17.11 -13.54 5.06
C LEU B 268 -15.95 -13.78 6.02
N ALA B 269 -15.59 -12.72 6.75
CA ALA B 269 -14.62 -12.83 7.84
C ALA B 269 -15.29 -13.41 9.08
N GLU B 270 -14.64 -14.41 9.70
CA GLU B 270 -15.20 -15.03 10.88
C GLU B 270 -14.94 -14.25 12.16
N THR B 271 -13.83 -13.49 12.22
CA THR B 271 -13.49 -12.75 13.44
C THR B 271 -12.91 -11.38 13.06
N ASN B 272 -13.01 -10.46 14.01
CA ASN B 272 -12.27 -9.20 13.93
C ASN B 272 -10.75 -9.47 13.95
N ALA B 273 -10.30 -10.44 14.79
CA ALA B 273 -8.88 -10.73 14.86
C ALA B 273 -8.32 -11.11 13.51
N GLN B 274 -9.08 -11.79 12.67
CA GLN B 274 -8.58 -12.22 11.34
C GLN B 274 -8.24 -10.99 10.48
N GLN B 275 -9.05 -9.94 10.60
CA GLN B 275 -8.75 -8.73 9.84
C GLN B 275 -7.55 -8.00 10.44
N VAL B 276 -7.39 -8.03 11.77
CA VAL B 276 -6.19 -7.45 12.38
C VAL B 276 -4.96 -8.19 11.90
N ARG B 277 -5.05 -9.53 11.86
CA ARG B 277 -3.89 -10.28 11.37
C ARG B 277 -3.53 -9.93 9.94
N ALA B 278 -4.52 -9.71 9.09
CA ALA B 278 -4.21 -9.38 7.70
C ALA B 278 -3.54 -8.02 7.62
N ALA B 279 -4.05 -7.04 8.37
CA ALA B 279 -3.40 -5.74 8.39
C ALA B 279 -1.99 -5.87 8.92
N ARG B 280 -1.80 -6.67 9.98
CA ARG B 280 -0.47 -6.81 10.55
C ARG B 280 0.47 -7.48 9.55
N GLN B 281 -0.03 -8.40 8.73
CA GLN B 281 0.85 -8.99 7.71
C GLN B 281 1.36 -7.93 6.74
N ILE B 282 0.49 -6.99 6.36
CA ILE B 282 0.90 -5.90 5.46
C ILE B 282 1.89 -5.00 6.17
N VAL B 283 1.57 -4.54 7.39
CA VAL B 283 2.49 -3.69 8.16
C VAL B 283 3.86 -4.34 8.28
N GLU B 284 3.89 -5.64 8.67
CA GLU B 284 5.21 -6.26 8.89
C GLU B 284 5.91 -6.53 7.56
N GLY B 285 5.15 -6.80 6.49
CA GLY B 285 5.74 -6.97 5.17
C GLY B 285 6.45 -5.71 4.71
N LEU B 286 5.92 -4.54 5.09
CA LEU B 286 6.55 -3.27 4.79
C LEU B 286 7.78 -3.02 5.64
N GLY B 287 8.06 -3.89 6.61
CA GLY B 287 9.17 -3.61 7.51
C GLY B 287 8.80 -2.71 8.65
N LEU B 288 7.50 -2.46 8.85
CA LEU B 288 7.03 -1.65 9.97
C LEU B 288 6.56 -2.54 11.09
N GLU B 289 6.11 -1.90 12.18
CA GLU B 289 5.74 -2.65 13.38
C GLU B 289 4.39 -2.16 13.86
N VAL B 290 3.57 -3.07 14.36
CA VAL B 290 2.32 -2.68 14.98
C VAL B 290 2.57 -1.99 16.33
N ALA B 291 1.88 -0.87 16.56
CA ALA B 291 2.00 -0.12 17.79
C ALA B 291 1.32 -0.84 18.95
N THR B 292 1.95 -0.81 20.09
CA THR B 292 1.33 -1.32 21.32
C THR B 292 0.38 -0.25 21.86
N PRO B 293 -0.46 -0.61 22.82
CA PRO B 293 -1.33 0.40 23.42
C PRO B 293 -0.57 1.58 24.00
N ALA B 294 0.56 1.31 24.68
CA ALA B 294 1.32 2.43 25.24
C ALA B 294 1.85 3.35 24.14
N GLU B 295 2.29 2.78 23.01
CA GLU B 295 2.74 3.59 21.88
C GLU B 295 1.58 4.37 21.28
N ALA B 296 0.39 3.75 21.17
CA ALA B 296 -0.73 4.51 20.65
C ALA B 296 -1.10 5.64 21.58
N ARG B 297 -1.03 5.43 22.89
CA ARG B 297 -1.35 6.51 23.82
C ARG B 297 -0.39 7.69 23.67
N GLU B 298 0.90 7.41 23.48
CA GLU B 298 1.82 8.51 23.26
C GLU B 298 1.56 9.21 21.94
N LEU B 299 1.39 8.45 20.87
CA LEU B 299 1.14 9.06 19.55
C LEU B 299 -0.12 9.90 19.54
N LEU B 300 -1.15 9.50 20.30
CA LEU B 300 -2.41 10.21 20.27
C LEU B 300 -2.60 11.10 21.48
N ALA B 301 -1.61 11.17 22.37
CA ALA B 301 -1.60 12.03 23.54
C ALA B 301 -2.79 11.76 24.46
N LEU B 302 -3.00 10.46 24.75
CA LEU B 302 -4.17 10.02 25.52
C LEU B 302 -3.88 10.01 27.03
N LYS B 303 -4.97 10.03 27.82
CA LYS B 303 -4.84 10.24 29.28
C LYS B 303 -4.42 8.99 30.05
N GLY B 304 -4.56 7.81 29.49
CA GLY B 304 -4.12 6.60 30.19
C GLY B 304 -5.33 5.74 30.48
N GLY B 305 -5.14 4.42 30.41
CA GLY B 305 -6.21 3.45 30.69
C GLY B 305 -6.62 3.36 32.14
N ASP B 306 -5.85 3.97 33.05
CA ASP B 306 -6.16 4.08 34.45
C ASP B 306 -6.81 5.41 34.82
N GLN B 307 -7.18 6.21 33.83
CA GLN B 307 -7.82 7.51 34.05
C GLN B 307 -9.21 7.54 33.43
N VAL B 308 -9.89 6.41 33.41
CA VAL B 308 -11.24 6.30 32.86
C VAL B 308 -12.20 5.90 33.96
N ASN B 309 -13.49 6.07 33.69
CA ASN B 309 -14.51 5.78 34.71
C ASN B 309 -15.12 4.38 34.54
N PHE B 310 -14.24 3.40 34.47
CA PHE B 310 -14.61 2.00 34.44
C PHE B 310 -13.35 1.18 34.72
#